data_7G9K
#
_entry.id   7G9K
#
_cell.length_a   53.784
_cell.length_b   69.585
_cell.length_c   57.546
_cell.angle_alpha   90.000
_cell.angle_beta   92.340
_cell.angle_gamma   90.000
#
_symmetry.space_group_name_H-M   'P 1 21 1'
#
loop_
_entity.id
_entity.type
_entity.pdbx_description
1 polymer 'Serine protease NS3'
2 non-polymer 1,2-ETHANEDIOL
3 non-polymer 'PHOSPHATE ION'
4 non-polymer (4S)-2-METHYL-2,4-PENTANEDIOL
5 non-polymer 3,3,3-tris(fluoranyl)-1-piperazin-1-yl-propan-1-one
6 water water
#
_entity_poly.entity_id   1
_entity_poly.type   'polypeptide(L)'
_entity_poly.pdbx_seq_one_letter_code
;MLKKKQLTVLDLHPGAGKTRRVLPEIVREAIKKRLRTVILAPTRVVAAEMEEALRGLPVRYMTTAVNVTHSGTEIVDLMC
HATFTSRLLQPIRVPNYNLNIMDEAHFTDPSSIAARGYISTRVEMGEAAAIFMTATPPGTRDAFPDSNSPIMDTEVEVPE
RAWSSGFDWVTDHSGKTVWFVPSVRNGNEIAACLTKAGKRVIQLSRKTFETEFQKTKNQEWDFVITTDISEMGANFKADR
VIDSRRCLKPVILDGERVILAGPMPVTHASAAQRRGRIGRNPNKPGDEYMYGGGCAETDEGHAHWLEARMLLDNIYLQDG
LIASLYRPEADKVAAIEGEFKLRTEQRKTFVELMKRGDLPVWLAYQVASAGITYTDRRWCFDGTTNNTIMEDSVPAEVWT
KYGEKRVLKPRWMDARVCSDHAALKSFKEFAAGKR
;
_entity_poly.pdbx_strand_id   A
#
# COMPACT_ATOMS: atom_id res chain seq x y z
N MET A 1 -11.79 -25.59 1.80
CA MET A 1 -11.20 -24.29 1.52
C MET A 1 -10.56 -24.25 0.14
N LEU A 2 -9.88 -25.34 -0.23
CA LEU A 2 -9.07 -25.40 -1.45
C LEU A 2 -9.82 -25.81 -2.73
N LYS A 3 -11.13 -26.15 -2.63
CA LYS A 3 -11.96 -26.55 -3.76
C LYS A 3 -12.30 -25.37 -4.67
N LYS A 4 -12.40 -25.61 -5.99
CA LYS A 4 -12.76 -24.56 -6.95
C LYS A 4 -14.04 -23.79 -6.54
N LYS A 5 -14.27 -22.62 -7.13
CA LYS A 5 -15.45 -21.77 -6.86
C LYS A 5 -15.58 -21.34 -5.40
N GLN A 6 -14.52 -21.50 -4.57
CA GLN A 6 -14.61 -21.03 -3.18
C GLN A 6 -13.63 -19.90 -2.83
N LEU A 7 -14.15 -18.83 -2.23
CA LEU A 7 -13.34 -17.73 -1.73
C LEU A 7 -13.57 -17.70 -0.24
N THR A 8 -12.50 -17.93 0.51
CA THR A 8 -12.59 -17.93 1.97
C THR A 8 -11.90 -16.71 2.54
N VAL A 9 -12.54 -16.03 3.50
CA VAL A 9 -11.91 -14.93 4.19
C VAL A 9 -11.42 -15.45 5.55
N LEU A 10 -10.11 -15.58 5.73
CA LEU A 10 -9.51 -16.07 6.97
C LEU A 10 -9.34 -14.81 7.84
N ASP A 11 -10.33 -14.55 8.71
CA ASP A 11 -10.39 -13.33 9.47
C ASP A 11 -10.12 -13.48 10.97
N LEU A 12 -9.14 -14.28 11.32
CA LEU A 12 -8.71 -14.41 12.72
C LEU A 12 -8.13 -13.02 13.16
N HIS A 13 -8.27 -12.67 14.46
CA HIS A 13 -7.80 -11.40 14.99
C HIS A 13 -6.29 -11.14 14.73
N PRO A 14 -5.82 -9.87 14.74
CA PRO A 14 -4.38 -9.62 14.51
C PRO A 14 -3.51 -10.38 15.52
N GLY A 15 -2.47 -11.05 15.02
CA GLY A 15 -1.59 -11.83 15.88
C GLY A 15 -2.09 -13.23 16.20
N ALA A 16 -3.21 -13.66 15.57
CA ALA A 16 -3.74 -15.01 15.85
C ALA A 16 -2.95 -16.16 15.21
N GLY A 17 -1.97 -15.86 14.35
CA GLY A 17 -1.16 -16.90 13.73
C GLY A 17 -1.48 -17.23 12.29
N LYS A 18 -2.17 -16.32 11.58
CA LYS A 18 -2.54 -16.58 10.17
C LYS A 18 -1.31 -16.86 9.29
N THR A 19 -0.24 -16.08 9.45
CA THR A 19 0.94 -16.22 8.60
C THR A 19 1.94 -17.32 9.03
N ARG A 20 2.25 -17.40 10.33
CA ARG A 20 3.23 -18.37 10.80
C ARG A 20 2.67 -19.75 11.07
N ARG A 21 1.37 -19.85 11.40
CA ARG A 21 0.77 -21.15 11.69
C ARG A 21 -0.17 -21.66 10.59
N VAL A 22 -1.18 -20.87 10.20
CA VAL A 22 -2.15 -21.33 9.21
C VAL A 22 -1.55 -21.45 7.78
N LEU A 23 -0.90 -20.40 7.31
CA LEU A 23 -0.30 -20.41 5.96
C LEU A 23 0.55 -21.67 5.64
N PRO A 24 1.50 -22.13 6.49
CA PRO A 24 2.24 -23.36 6.16
C PRO A 24 1.34 -24.59 6.00
N GLU A 25 0.34 -24.76 6.89
CA GLU A 25 -0.63 -25.86 6.81
C GLU A 25 -1.38 -25.82 5.46
N ILE A 26 -1.89 -24.62 5.06
CA ILE A 26 -2.56 -24.48 3.75
C ILE A 26 -1.63 -24.90 2.60
N VAL A 27 -0.36 -24.45 2.63
CA VAL A 27 0.63 -24.75 1.59
C VAL A 27 0.93 -26.24 1.47
N ARG A 28 1.12 -26.95 2.60
CA ARG A 28 1.36 -28.40 2.56
C ARG A 28 0.16 -29.11 1.93
N GLU A 29 -1.06 -28.71 2.33
CA GLU A 29 -2.28 -29.32 1.75
C GLU A 29 -2.36 -29.03 0.24
N ALA A 30 -2.03 -27.80 -0.19
CA ALA A 30 -2.06 -27.44 -1.62
C ALA A 30 -1.10 -28.30 -2.45
N ILE A 31 0.13 -28.50 -1.93
CA ILE A 31 1.17 -29.30 -2.56
C ILE A 31 0.71 -30.80 -2.64
N LYS A 32 0.09 -31.31 -1.56
CA LYS A 32 -0.48 -32.68 -1.52
C LYS A 32 -1.53 -32.86 -2.63
N LYS A 33 -2.36 -31.83 -2.90
CA LYS A 33 -3.40 -31.91 -3.92
C LYS A 33 -2.99 -31.48 -5.32
N ARG A 34 -1.68 -31.20 -5.54
CA ARG A 34 -1.15 -30.72 -6.81
C ARG A 34 -1.86 -29.46 -7.30
N LEU A 35 -2.10 -28.52 -6.41
CA LEU A 35 -2.73 -27.24 -6.79
C LEU A 35 -1.62 -26.24 -7.11
N ARG A 36 -1.60 -25.70 -8.34
CA ARG A 36 -0.65 -24.65 -8.74
C ARG A 36 -1.09 -23.42 -7.93
N THR A 37 -0.20 -22.93 -7.03
CA THR A 37 -0.60 -21.95 -6.06
C THR A 37 0.23 -20.65 -6.06
N VAL A 38 -0.43 -19.51 -5.82
CA VAL A 38 0.31 -18.24 -5.69
C VAL A 38 0.04 -17.73 -4.28
N ILE A 39 1.10 -17.21 -3.60
CA ILE A 39 1.01 -16.56 -2.30
C ILE A 39 1.44 -15.10 -2.55
N LEU A 40 0.59 -14.14 -2.18
CA LEU A 40 0.84 -12.71 -2.40
C LEU A 40 1.14 -11.96 -1.11
N ALA A 41 2.37 -11.39 -1.02
CA ALA A 41 2.85 -10.62 0.14
C ALA A 41 2.64 -9.12 -0.13
N PRO A 42 2.21 -8.29 0.84
CA PRO A 42 2.03 -6.86 0.55
C PRO A 42 3.33 -6.10 0.25
N THR A 43 4.41 -6.48 0.97
CA THR A 43 5.73 -5.87 0.93
C THR A 43 6.87 -6.91 0.87
N ARG A 44 8.07 -6.43 0.51
CA ARG A 44 9.25 -7.29 0.47
CA ARG A 44 9.25 -7.28 0.47
C ARG A 44 9.59 -7.74 1.90
N VAL A 45 9.30 -6.90 2.92
CA VAL A 45 9.55 -7.26 4.32
C VAL A 45 8.69 -8.47 4.69
N VAL A 46 7.38 -8.45 4.32
CA VAL A 46 6.50 -9.58 4.62
C VAL A 46 6.95 -10.82 3.84
N ALA A 47 7.39 -10.65 2.58
CA ALA A 47 7.91 -11.76 1.79
C ALA A 47 9.06 -12.50 2.50
N ALA A 48 10.00 -11.74 3.10
CA ALA A 48 11.12 -12.33 3.84
C ALA A 48 10.64 -13.05 5.10
N GLU A 49 9.64 -12.51 5.79
CA GLU A 49 9.06 -13.20 6.97
C GLU A 49 8.35 -14.51 6.56
N MET A 50 7.74 -14.52 5.39
CA MET A 50 7.07 -15.70 4.87
C MET A 50 8.05 -16.78 4.53
N GLU A 51 9.23 -16.43 3.99
CA GLU A 51 10.24 -17.46 3.71
C GLU A 51 10.66 -18.17 5.02
N GLU A 52 10.74 -17.41 6.12
CA GLU A 52 11.09 -18.00 7.41
C GLU A 52 10.00 -18.97 7.88
N ALA A 53 8.72 -18.58 7.76
CA ALA A 53 7.60 -19.44 8.20
C ALA A 53 7.43 -20.66 7.29
N LEU A 54 7.82 -20.55 6.01
CA LEU A 54 7.67 -21.64 5.04
C LEU A 54 8.98 -22.40 4.76
N ARG A 55 10.06 -22.11 5.50
CA ARG A 55 11.36 -22.76 5.26
C ARG A 55 11.25 -24.31 5.23
N GLY A 56 11.86 -24.93 4.22
CA GLY A 56 11.75 -26.37 4.05
C GLY A 56 10.68 -26.80 3.07
N LEU A 57 9.69 -25.93 2.82
CA LEU A 57 8.63 -26.24 1.86
C LEU A 57 9.08 -25.79 0.48
N PRO A 58 8.69 -26.52 -0.58
CA PRO A 58 9.14 -26.14 -1.92
C PRO A 58 8.33 -24.95 -2.46
N VAL A 59 8.85 -23.74 -2.23
CA VAL A 59 8.21 -22.51 -2.68
C VAL A 59 9.19 -21.70 -3.54
N ARG A 60 8.70 -21.21 -4.71
CA ARG A 60 9.50 -20.42 -5.63
C ARG A 60 9.28 -18.94 -5.29
N TYR A 61 10.34 -18.29 -4.83
CA TYR A 61 10.30 -16.90 -4.41
C TYR A 61 10.60 -15.97 -5.57
N MET A 62 9.55 -15.35 -6.13
CA MET A 62 9.70 -14.44 -7.25
C MET A 62 9.90 -12.98 -6.75
N THR A 63 10.97 -12.79 -5.95
CA THR A 63 11.36 -11.51 -5.35
C THR A 63 12.86 -11.54 -5.01
N THR A 64 13.59 -10.42 -5.21
CA THR A 64 15.00 -10.39 -4.78
C THR A 64 15.14 -10.16 -3.26
N ALA A 65 14.02 -10.04 -2.51
CA ALA A 65 14.07 -9.86 -1.06
C ALA A 65 14.49 -11.14 -0.30
N VAL A 66 14.55 -12.29 -1.01
CA VAL A 66 14.90 -13.60 -0.51
C VAL A 66 16.04 -14.15 -1.40
N ASN A 67 17.11 -14.70 -0.79
CA ASN A 67 18.22 -15.24 -1.57
C ASN A 67 18.19 -16.76 -1.50
N VAL A 68 17.36 -17.41 -2.34
CA VAL A 68 17.24 -18.87 -2.31
C VAL A 68 17.56 -19.53 -3.66
N THR A 69 18.20 -20.70 -3.60
CA THR A 69 18.51 -21.45 -4.81
C THR A 69 17.31 -22.40 -5.09
N HIS A 70 16.45 -22.03 -6.05
CA HIS A 70 15.28 -22.84 -6.40
C HIS A 70 15.61 -24.18 -7.09
N SER A 71 14.86 -25.22 -6.75
CA SER A 71 15.06 -26.55 -7.34
C SER A 71 14.49 -26.66 -8.77
N GLY A 72 13.51 -25.83 -9.10
CA GLY A 72 12.85 -25.88 -10.40
C GLY A 72 11.61 -26.77 -10.40
N THR A 73 11.32 -27.46 -9.30
CA THR A 73 10.15 -28.34 -9.18
C THR A 73 9.04 -27.78 -8.24
N GLU A 74 9.09 -26.49 -7.93
CA GLU A 74 8.09 -25.89 -7.07
C GLU A 74 6.79 -25.66 -7.87
N ILE A 75 5.62 -25.97 -7.29
CA ILE A 75 4.35 -25.60 -7.91
C ILE A 75 3.65 -24.47 -7.10
N VAL A 76 4.34 -23.91 -6.08
CA VAL A 76 3.86 -22.80 -5.27
C VAL A 76 4.77 -21.58 -5.54
N ASP A 77 4.23 -20.45 -6.00
CA ASP A 77 5.02 -19.25 -6.25
C ASP A 77 4.68 -18.20 -5.20
N LEU A 78 5.63 -17.37 -4.79
CA LEU A 78 5.38 -16.31 -3.83
C LEU A 78 5.91 -15.02 -4.43
N MET A 79 5.06 -14.00 -4.51
CA MET A 79 5.50 -12.69 -5.01
C MET A 79 4.69 -11.58 -4.30
N CYS A 80 5.08 -10.31 -4.48
CA CYS A 80 4.31 -9.22 -3.88
C CYS A 80 2.99 -8.98 -4.61
N HIS A 81 2.01 -8.32 -3.95
CA HIS A 81 0.70 -7.99 -4.59
C HIS A 81 0.95 -7.19 -5.89
N ALA A 82 1.90 -6.20 -5.84
CA ALA A 82 2.20 -5.33 -7.01
C ALA A 82 2.81 -6.09 -8.16
N THR A 83 3.68 -7.05 -7.86
CA THR A 83 4.32 -7.88 -8.90
C THR A 83 3.26 -8.72 -9.63
N PHE A 84 2.31 -9.32 -8.88
CA PHE A 84 1.22 -10.10 -9.49
C PHE A 84 0.44 -9.23 -10.51
N THR A 85 -0.03 -8.04 -10.06
CA THR A 85 -0.78 -7.13 -10.95
C THR A 85 0.06 -6.63 -12.14
N SER A 86 1.35 -6.33 -11.89
CA SER A 86 2.26 -5.86 -12.95
C SER A 86 2.42 -6.97 -14.01
N ARG A 87 2.69 -8.21 -13.57
CA ARG A 87 2.85 -9.32 -14.54
C ARG A 87 1.57 -9.56 -15.34
N LEU A 88 0.40 -9.34 -14.72
CA LEU A 88 -0.86 -9.52 -15.45
C LEU A 88 -0.95 -8.49 -16.59
N LEU A 89 -0.55 -7.25 -16.31
CA LEU A 89 -0.59 -6.14 -17.29
C LEU A 89 0.43 -6.29 -18.44
N GLN A 90 1.63 -6.76 -18.11
CA GLN A 90 2.71 -6.98 -19.07
C GLN A 90 2.41 -8.17 -20.03
N PRO A 91 3.10 -8.33 -21.18
CA PRO A 91 2.77 -9.45 -22.10
C PRO A 91 3.06 -10.84 -21.53
N ILE A 92 3.92 -10.93 -20.52
CA ILE A 92 4.29 -12.20 -19.86
C ILE A 92 3.06 -13.04 -19.46
N ARG A 93 3.10 -14.35 -19.75
CA ARG A 93 2.00 -15.21 -19.39
C ARG A 93 2.13 -15.52 -17.89
N VAL A 94 1.04 -15.32 -17.19
CA VAL A 94 0.97 -15.62 -15.76
C VAL A 94 0.17 -16.95 -15.73
N PRO A 95 0.64 -17.96 -14.97
CA PRO A 95 -0.12 -19.22 -14.90
C PRO A 95 -1.53 -18.96 -14.33
N ASN A 96 -2.49 -19.80 -14.70
CA ASN A 96 -3.85 -19.66 -14.17
C ASN A 96 -3.89 -20.50 -12.87
N TYR A 97 -3.40 -19.91 -11.77
CA TYR A 97 -3.30 -20.56 -10.47
C TYR A 97 -4.60 -21.17 -9.99
N ASN A 98 -4.55 -22.45 -9.55
CA ASN A 98 -5.75 -23.12 -9.03
C ASN A 98 -6.13 -22.56 -7.64
N LEU A 99 -5.13 -22.09 -6.86
CA LEU A 99 -5.31 -21.57 -5.51
C LEU A 99 -4.60 -20.22 -5.39
N ASN A 100 -5.32 -19.17 -4.97
CA ASN A 100 -4.75 -17.83 -4.85
C ASN A 100 -4.85 -17.39 -3.39
N ILE A 101 -3.71 -17.20 -2.74
CA ILE A 101 -3.69 -16.80 -1.33
C ILE A 101 -3.16 -15.40 -1.22
N MET A 102 -3.94 -14.47 -0.64
CA MET A 102 -3.46 -13.11 -0.45
C MET A 102 -3.30 -12.83 1.03
N ASP A 103 -2.05 -12.55 1.49
CA ASP A 103 -1.85 -12.19 2.89
C ASP A 103 -1.97 -10.66 3.00
N GLU A 104 -2.39 -10.18 4.21
CA GLU A 104 -2.65 -8.75 4.50
C GLU A 104 -3.58 -8.21 3.43
N ALA A 105 -4.68 -8.97 3.21
CA ALA A 105 -5.64 -8.73 2.15
C ALA A 105 -6.43 -7.43 2.26
N HIS A 106 -6.24 -6.67 3.35
CA HIS A 106 -6.91 -5.39 3.53
C HIS A 106 -6.17 -4.22 2.79
N PHE A 107 -4.98 -4.47 2.23
CA PHE A 107 -4.14 -3.45 1.60
C PHE A 107 -4.94 -2.69 0.51
N THR A 108 -5.06 -1.35 0.66
CA THR A 108 -5.87 -0.56 -0.27
C THR A 108 -5.07 0.18 -1.37
N ASP A 109 -3.81 -0.25 -1.65
CA ASP A 109 -3.09 0.34 -2.79
C ASP A 109 -3.75 -0.18 -4.09
N PRO A 110 -3.79 0.66 -5.16
CA PRO A 110 -4.51 0.26 -6.37
C PRO A 110 -4.18 -1.15 -6.90
N SER A 111 -2.87 -1.53 -6.85
CA SER A 111 -2.48 -2.86 -7.37
C SER A 111 -3.04 -4.03 -6.51
N SER A 112 -3.25 -3.80 -5.20
CA SER A 112 -3.80 -4.84 -4.33
C SER A 112 -5.31 -4.96 -4.58
N ILE A 113 -6.01 -3.80 -4.71
CA ILE A 113 -7.45 -3.84 -5.05
C ILE A 113 -7.68 -4.57 -6.38
N ALA A 114 -6.86 -4.22 -7.42
CA ALA A 114 -6.94 -4.87 -8.74
C ALA A 114 -6.68 -6.39 -8.60
N ALA A 115 -5.63 -6.80 -7.84
CA ALA A 115 -5.36 -8.23 -7.65
C ALA A 115 -6.62 -8.95 -7.03
N ARG A 116 -7.24 -8.36 -5.96
CA ARG A 116 -8.46 -8.96 -5.39
C ARG A 116 -9.60 -9.07 -6.40
N GLY A 117 -9.72 -8.07 -7.27
CA GLY A 117 -10.80 -8.04 -8.26
C GLY A 117 -10.65 -9.16 -9.30
N TYR A 118 -9.44 -9.28 -9.79
CA TYR A 118 -9.08 -10.32 -10.76
C TYR A 118 -9.28 -11.74 -10.16
N ILE A 119 -8.69 -11.99 -8.98
CA ILE A 119 -8.79 -13.28 -8.31
C ILE A 119 -10.24 -13.62 -8.00
N SER A 120 -11.01 -12.69 -7.38
CA SER A 120 -12.39 -12.98 -7.03
C SER A 120 -13.27 -13.22 -8.28
N THR A 121 -12.93 -12.57 -9.42
CA THR A 121 -13.66 -12.80 -10.66
C THR A 121 -13.40 -14.24 -11.16
N ARG A 122 -12.13 -14.69 -11.09
CA ARG A 122 -11.80 -16.07 -11.48
C ARG A 122 -12.53 -17.09 -10.60
N VAL A 123 -12.71 -16.79 -9.29
CA VAL A 123 -13.43 -17.67 -8.39
C VAL A 123 -14.92 -17.69 -8.78
N GLU A 124 -15.52 -16.50 -8.99
CA GLU A 124 -16.91 -16.36 -9.40
C GLU A 124 -17.21 -17.15 -10.67
N MET A 125 -16.26 -17.15 -11.62
CA MET A 125 -16.32 -17.89 -12.88
C MET A 125 -16.23 -19.42 -12.70
N GLY A 126 -15.86 -19.89 -11.51
CA GLY A 126 -15.71 -21.30 -11.20
C GLY A 126 -14.38 -21.88 -11.63
N GLU A 127 -13.37 -21.04 -11.86
CA GLU A 127 -12.07 -21.45 -12.37
C GLU A 127 -10.99 -21.64 -11.33
N ALA A 128 -11.18 -21.12 -10.12
CA ALA A 128 -10.13 -21.15 -9.12
C ALA A 128 -10.70 -21.03 -7.68
N ALA A 129 -9.84 -21.28 -6.67
CA ALA A 129 -10.13 -21.08 -5.26
C ALA A 129 -9.27 -19.87 -4.79
N ALA A 130 -9.68 -19.23 -3.70
CA ALA A 130 -8.90 -18.13 -3.15
C ALA A 130 -9.06 -18.08 -1.66
N ILE A 131 -8.03 -17.58 -0.96
CA ILE A 131 -8.05 -17.37 0.47
C ILE A 131 -7.51 -15.95 0.71
N PHE A 132 -8.33 -15.06 1.31
CA PHE A 132 -7.93 -13.70 1.65
C PHE A 132 -7.69 -13.69 3.15
N MET A 133 -6.42 -13.47 3.56
CA MET A 133 -6.06 -13.47 4.95
C MET A 133 -5.96 -12.06 5.49
N THR A 134 -6.94 -11.66 6.34
CA THR A 134 -6.93 -10.38 7.05
C THR A 134 -7.89 -10.39 8.24
N ALA A 135 -7.49 -9.73 9.32
CA ALA A 135 -8.38 -9.53 10.45
C ALA A 135 -9.45 -8.49 10.11
N THR A 136 -9.22 -7.62 9.10
CA THR A 136 -10.11 -6.52 8.77
C THR A 136 -10.54 -6.52 7.31
N PRO A 137 -11.52 -7.40 6.95
CA PRO A 137 -12.02 -7.41 5.58
C PRO A 137 -12.75 -6.12 5.22
N PRO A 138 -12.94 -5.85 3.91
CA PRO A 138 -13.61 -4.61 3.51
C PRO A 138 -14.97 -4.38 4.16
N GLY A 139 -15.21 -3.18 4.67
CA GLY A 139 -16.48 -2.86 5.31
C GLY A 139 -16.56 -3.22 6.78
N THR A 140 -15.45 -3.69 7.38
CA THR A 140 -15.45 -3.97 8.83
C THR A 140 -15.75 -2.69 9.62
N ARG A 141 -16.58 -2.80 10.64
CA ARG A 141 -17.00 -1.65 11.44
C ARG A 141 -16.42 -1.70 12.86
N ASP A 142 -15.56 -2.67 13.18
CA ASP A 142 -15.01 -2.81 14.52
C ASP A 142 -13.54 -2.35 14.54
N ALA A 143 -13.28 -1.20 15.14
CA ALA A 143 -11.90 -0.71 15.29
C ALA A 143 -11.19 -1.33 16.49
N PHE A 144 -11.89 -2.10 17.36
CA PHE A 144 -11.26 -2.66 18.56
C PHE A 144 -11.41 -4.19 18.63
N PRO A 145 -10.81 -4.93 17.68
CA PRO A 145 -10.95 -6.39 17.70
C PRO A 145 -10.16 -7.06 18.82
N ASP A 146 -10.31 -8.39 18.94
CA ASP A 146 -9.60 -9.17 19.95
C ASP A 146 -8.07 -9.07 19.71
N SER A 147 -7.30 -9.38 20.75
CA SER A 147 -5.85 -9.37 20.67
C SER A 147 -5.27 -10.51 21.55
N ASN A 148 -3.96 -10.79 21.44
CA ASN A 148 -3.35 -11.86 22.25
C ASN A 148 -3.32 -11.52 23.73
N SER A 149 -3.22 -10.23 24.06
CA SER A 149 -3.26 -9.80 25.45
C SER A 149 -4.02 -8.46 25.57
N PRO A 150 -4.63 -8.21 26.75
CA PRO A 150 -5.43 -7.00 26.91
C PRO A 150 -4.68 -5.71 26.60
N ILE A 151 -5.37 -4.78 25.94
CA ILE A 151 -4.85 -3.47 25.56
C ILE A 151 -5.58 -2.38 26.35
N MET A 152 -4.87 -1.30 26.78
CA MET A 152 -5.53 -0.15 27.45
C MET A 152 -5.84 0.86 26.34
N ASP A 153 -7.11 1.01 25.98
CA ASP A 153 -7.55 1.92 24.91
C ASP A 153 -7.91 3.28 25.54
N THR A 154 -7.30 4.37 25.05
CA THR A 154 -7.56 5.68 25.63
C THR A 154 -7.75 6.73 24.54
N GLU A 155 -8.89 7.43 24.56
CA GLU A 155 -9.13 8.50 23.60
C GLU A 155 -8.43 9.73 24.17
N VAL A 156 -7.51 10.32 23.40
CA VAL A 156 -6.76 11.49 23.91
C VAL A 156 -6.38 12.42 22.75
N GLU A 157 -6.22 13.75 23.01
CA GLU A 157 -5.73 14.66 21.97
C GLU A 157 -4.27 14.27 21.66
N VAL A 158 -3.97 14.06 20.38
CA VAL A 158 -2.65 13.66 19.89
C VAL A 158 -2.02 14.79 19.06
N PRO A 159 -0.77 15.19 19.39
CA PRO A 159 -0.14 16.27 18.62
C PRO A 159 0.06 15.93 17.15
N GLU A 160 -0.24 16.88 16.27
CA GLU A 160 0.03 16.72 14.85
C GLU A 160 1.08 17.76 14.36
N ARG A 161 1.70 18.49 15.29
CA ARG A 161 2.72 19.51 15.05
C ARG A 161 3.73 19.43 16.21
N ALA A 162 4.86 20.16 16.13
CA ALA A 162 5.79 20.27 17.24
C ALA A 162 5.05 20.94 18.42
N TRP A 163 5.43 20.58 19.64
CA TRP A 163 4.78 21.11 20.83
C TRP A 163 5.82 21.44 21.89
N SER A 164 5.49 22.40 22.78
CA SER A 164 6.37 22.80 23.87
C SER A 164 5.79 22.40 25.23
N SER A 165 4.48 22.19 25.33
CA SER A 165 3.84 21.84 26.57
C SER A 165 2.45 21.20 26.29
N GLY A 166 1.86 20.59 27.32
CA GLY A 166 0.52 20.03 27.22
C GLY A 166 0.41 18.57 26.83
N PHE A 167 1.53 17.90 26.53
CA PHE A 167 1.49 16.49 26.13
C PHE A 167 2.62 15.69 26.83
N ASP A 168 2.81 15.93 28.13
CA ASP A 168 3.86 15.27 28.90
C ASP A 168 3.80 13.74 28.78
N TRP A 169 2.58 13.16 28.69
CA TRP A 169 2.37 11.70 28.59
C TRP A 169 3.12 11.07 27.41
N VAL A 170 3.31 11.84 26.33
CA VAL A 170 4.00 11.36 25.15
C VAL A 170 5.49 11.05 25.45
N THR A 171 6.19 12.00 26.08
CA THR A 171 7.63 11.85 26.34
C THR A 171 7.96 11.22 27.69
N ASP A 172 7.01 11.19 28.64
CA ASP A 172 7.26 10.61 29.95
C ASP A 172 7.41 9.07 29.94
N HIS A 173 6.99 8.42 28.87
CA HIS A 173 7.00 6.98 28.64
C HIS A 173 8.41 6.43 28.50
N SER A 174 8.66 5.25 29.06
CA SER A 174 9.99 4.65 28.99
C SER A 174 10.10 3.40 28.10
N GLY A 175 9.04 3.07 27.35
CA GLY A 175 9.06 1.91 26.48
C GLY A 175 9.29 2.29 25.04
N LYS A 176 8.74 1.50 24.11
CA LYS A 176 8.87 1.79 22.68
C LYS A 176 7.49 2.09 22.10
N THR A 177 7.39 3.17 21.32
CA THR A 177 6.11 3.63 20.74
C THR A 177 6.09 3.61 19.22
N VAL A 178 5.01 3.10 18.61
CA VAL A 178 4.81 3.22 17.17
C VAL A 178 3.72 4.30 16.96
N TRP A 179 4.07 5.39 16.25
CA TRP A 179 3.17 6.53 16.10
C TRP A 179 2.74 6.69 14.64
N PHE A 180 1.45 6.53 14.37
CA PHE A 180 0.91 6.65 13.00
C PHE A 180 0.51 8.07 12.74
N VAL A 181 1.11 8.65 11.72
CA VAL A 181 0.88 10.03 11.27
C VAL A 181 0.20 10.06 9.90
N PRO A 182 -0.44 11.18 9.55
CA PRO A 182 -1.14 11.23 8.23
C PRO A 182 -0.28 11.33 6.99
N SER A 183 0.94 11.87 7.13
CA SER A 183 1.80 12.08 5.95
C SER A 183 3.28 12.09 6.34
N VAL A 184 4.14 11.95 5.33
CA VAL A 184 5.60 12.00 5.53
C VAL A 184 6.00 13.36 6.13
N ARG A 185 5.46 14.45 5.56
CA ARG A 185 5.76 15.81 6.03
C ARG A 185 5.34 15.99 7.49
N ASN A 186 4.17 15.46 7.89
CA ASN A 186 3.74 15.57 9.29
CA ASN A 186 3.72 15.52 9.28
C ASN A 186 4.68 14.75 10.19
N GLY A 187 5.08 13.57 9.74
CA GLY A 187 6.01 12.75 10.54
C GLY A 187 7.35 13.43 10.74
N ASN A 188 7.85 14.16 9.70
CA ASN A 188 9.11 14.91 9.76
C ASN A 188 9.11 15.93 10.95
N GLU A 189 8.00 16.68 11.09
CA GLU A 189 7.89 17.68 12.16
C GLU A 189 7.83 17.04 13.55
N ILE A 190 7.03 15.97 13.70
CA ILE A 190 6.95 15.27 14.98
C ILE A 190 8.28 14.64 15.34
N ALA A 191 8.94 14.03 14.34
CA ALA A 191 10.23 13.36 14.59
C ALA A 191 11.27 14.38 15.02
N ALA A 192 11.33 15.56 14.38
CA ALA A 192 12.28 16.61 14.77
C ALA A 192 12.05 17.08 16.22
N CYS A 193 10.76 17.21 16.61
CA CYS A 193 10.40 17.62 17.96
C CYS A 193 10.88 16.56 18.96
N LEU A 194 10.64 15.27 18.66
CA LEU A 194 11.04 14.16 19.55
C LEU A 194 12.57 14.06 19.63
N THR A 195 13.26 14.22 18.50
CA THR A 195 14.73 14.18 18.49
C THR A 195 15.32 15.32 19.35
N LYS A 196 14.75 16.52 19.26
CA LYS A 196 15.19 17.65 20.08
C LYS A 196 14.97 17.37 21.58
N ALA A 197 13.98 16.50 21.93
CA ALA A 197 13.72 16.13 23.32
C ALA A 197 14.58 14.96 23.83
N GLY A 198 15.52 14.48 23.01
CA GLY A 198 16.41 13.40 23.43
C GLY A 198 15.96 12.00 23.01
N LYS A 199 14.90 11.91 22.18
CA LYS A 199 14.42 10.58 21.75
C LYS A 199 15.11 10.07 20.48
N ARG A 200 15.21 8.74 20.32
CA ARG A 200 15.76 8.10 19.12
C ARG A 200 14.59 7.68 18.25
N VAL A 201 14.51 8.27 17.06
CA VAL A 201 13.38 8.12 16.18
C VAL A 201 13.76 7.49 14.85
N ILE A 202 12.94 6.52 14.39
CA ILE A 202 13.08 5.94 13.06
C ILE A 202 11.82 6.38 12.31
N GLN A 203 11.93 6.74 11.01
CA GLN A 203 10.77 7.15 10.25
C GLN A 203 10.56 6.16 9.10
N LEU A 204 9.32 5.73 8.89
CA LEU A 204 8.96 4.77 7.85
C LEU A 204 7.90 5.34 6.95
N SER A 205 8.04 5.05 5.66
CA SER A 205 7.05 5.43 4.65
C SER A 205 7.19 4.47 3.45
N ARG A 206 6.26 4.52 2.47
CA ARG A 206 6.33 3.57 1.35
C ARG A 206 7.70 3.49 0.66
N LYS A 207 8.30 4.64 0.31
CA LYS A 207 9.54 4.66 -0.45
C LYS A 207 10.78 4.20 0.31
N THR A 208 10.79 4.37 1.63
CA THR A 208 11.95 3.98 2.44
C THR A 208 11.74 2.70 3.25
N PHE A 209 10.54 2.10 3.20
CA PHE A 209 10.14 0.98 4.05
C PHE A 209 11.20 -0.13 4.28
N GLU A 210 11.63 -0.90 3.25
CA GLU A 210 12.56 -2.02 3.52
C GLU A 210 13.83 -1.61 4.23
N THR A 211 14.46 -0.53 3.76
CA THR A 211 15.71 -0.03 4.31
C THR A 211 15.55 0.42 5.75
N GLU A 212 14.56 1.27 6.02
CA GLU A 212 14.40 1.81 7.36
C GLU A 212 13.84 0.80 8.34
N PHE A 213 12.99 -0.14 7.87
CA PHE A 213 12.41 -1.16 8.76
C PHE A 213 13.51 -2.00 9.42
N GLN A 214 14.61 -2.27 8.69
CA GLN A 214 15.74 -3.05 9.23
C GLN A 214 16.35 -2.40 10.50
N LYS A 215 16.26 -1.04 10.59
CA LYS A 215 16.76 -0.27 11.73
C LYS A 215 15.98 -0.57 13.00
N THR A 216 14.69 -0.97 12.88
CA THR A 216 13.90 -1.31 14.05
C THR A 216 14.43 -2.58 14.73
N LYS A 217 15.20 -3.42 14.00
CA LYS A 217 15.79 -4.66 14.50
C LYS A 217 17.29 -4.46 14.83
N ASN A 218 18.01 -3.66 14.02
CA ASN A 218 19.47 -3.47 14.17
C ASN A 218 19.90 -2.47 15.24
N GLN A 219 18.99 -1.60 15.72
CA GLN A 219 19.36 -0.60 16.71
C GLN A 219 18.26 -0.30 17.73
N GLU A 220 18.67 0.25 18.89
CA GLU A 220 17.73 0.63 19.93
C GLU A 220 17.03 1.94 19.52
N TRP A 221 15.72 1.96 19.70
CA TRP A 221 14.91 3.11 19.34
C TRP A 221 13.89 3.38 20.41
N ASP A 222 13.34 4.60 20.44
CA ASP A 222 12.28 4.98 21.39
C ASP A 222 10.96 5.15 20.64
N PHE A 223 10.99 5.75 19.41
CA PHE A 223 9.79 5.97 18.62
C PHE A 223 9.98 5.55 17.18
N VAL A 224 8.95 4.96 16.58
CA VAL A 224 8.90 4.74 15.13
C VAL A 224 7.77 5.69 14.67
N ILE A 225 8.04 6.59 13.73
CA ILE A 225 7.05 7.51 13.16
C ILE A 225 6.73 6.94 11.80
N THR A 226 5.46 6.52 11.60
CA THR A 226 5.13 5.86 10.34
C THR A 226 3.85 6.32 9.70
N THR A 227 3.81 6.23 8.35
CA THR A 227 2.56 6.47 7.64
C THR A 227 1.73 5.12 7.73
N ASP A 228 0.58 5.09 7.05
CA ASP A 228 -0.33 3.95 7.03
C ASP A 228 0.30 2.65 6.47
N ILE A 229 1.51 2.73 5.87
CA ILE A 229 2.15 1.50 5.33
C ILE A 229 2.41 0.43 6.41
N SER A 230 2.61 0.88 7.67
CA SER A 230 2.85 -0.09 8.74
C SER A 230 1.56 -0.84 9.21
N GLU A 231 0.43 -0.60 8.55
CA GLU A 231 -0.80 -1.39 8.80
C GLU A 231 -0.67 -2.78 8.08
N MET A 232 0.32 -2.94 7.14
CA MET A 232 0.41 -4.15 6.34
C MET A 232 1.38 -5.21 6.88
N GLY A 233 1.13 -5.66 8.10
CA GLY A 233 1.88 -6.77 8.67
C GLY A 233 3.26 -6.47 9.22
N ALA A 234 3.58 -5.19 9.38
CA ALA A 234 4.86 -4.77 9.95
C ALA A 234 4.80 -5.08 11.44
N ASN A 235 5.76 -5.84 11.99
CA ASN A 235 5.75 -6.14 13.42
C ASN A 235 6.87 -5.48 14.15
N PHE A 236 6.54 -4.97 15.34
CA PHE A 236 7.44 -4.23 16.20
C PHE A 236 7.45 -4.85 17.61
N LYS A 237 8.52 -4.61 18.34
CA LYS A 237 8.63 -5.11 19.72
C LYS A 237 8.35 -3.86 20.52
N ALA A 238 7.09 -3.47 20.59
CA ALA A 238 6.71 -2.19 21.22
C ALA A 238 5.64 -2.41 22.29
N ASP A 239 5.41 -1.41 23.17
CA ASP A 239 4.35 -1.50 24.16
C ASP A 239 3.31 -0.38 24.05
N ARG A 240 3.41 0.49 23.02
CA ARG A 240 2.43 1.55 22.86
C ARG A 240 2.28 1.93 21.41
N VAL A 241 1.06 2.23 21.01
CA VAL A 241 0.77 2.78 19.71
C VAL A 241 0.12 4.16 19.96
N ILE A 242 0.61 5.21 19.30
CA ILE A 242 -0.03 6.52 19.35
C ILE A 242 -0.63 6.64 17.95
N ASP A 243 -1.93 6.87 17.84
CA ASP A 243 -2.59 6.91 16.55
C ASP A 243 -3.28 8.25 16.36
N SER A 244 -2.81 9.07 15.39
CA SER A 244 -3.49 10.33 15.06
C SER A 244 -4.97 10.04 14.60
N ARG A 245 -5.23 8.80 14.10
CA ARG A 245 -6.52 8.36 13.53
C ARG A 245 -6.79 9.16 12.22
N ARG A 246 -5.71 9.70 11.56
CA ARG A 246 -5.91 10.50 10.34
C ARG A 246 -5.07 10.01 9.19
N CYS A 247 -5.50 10.35 7.97
CA CYS A 247 -4.81 9.92 6.77
C CYS A 247 -5.09 10.94 5.67
N LEU A 248 -4.34 10.85 4.56
CA LEU A 248 -4.61 11.68 3.37
C LEU A 248 -5.46 10.84 2.42
N LYS A 249 -6.36 11.52 1.70
CA LYS A 249 -7.23 10.84 0.75
C LYS A 249 -6.99 11.42 -0.65
N PRO A 250 -6.48 10.65 -1.61
CA PRO A 250 -6.38 11.18 -2.99
C PRO A 250 -7.79 11.26 -3.54
N VAL A 251 -8.14 12.42 -4.13
CA VAL A 251 -9.46 12.68 -4.70
C VAL A 251 -9.33 13.27 -6.11
N ILE A 252 -10.00 12.68 -7.08
CA ILE A 252 -10.02 13.22 -8.44
C ILE A 252 -11.12 14.29 -8.52
N LEU A 253 -10.76 15.56 -8.82
CA LEU A 253 -11.72 16.66 -8.95
C LEU A 253 -12.07 16.92 -10.39
N ASP A 254 -13.38 16.93 -10.73
CA ASP A 254 -13.86 17.18 -12.09
C ASP A 254 -13.21 16.33 -13.17
N GLY A 255 -12.70 15.15 -12.82
CA GLY A 255 -12.04 14.24 -13.76
C GLY A 255 -10.76 14.78 -14.38
N GLU A 256 -10.22 15.90 -13.86
CA GLU A 256 -9.04 16.58 -14.46
C GLU A 256 -7.80 16.82 -13.58
N ARG A 257 -7.88 16.57 -12.28
CA ARG A 257 -6.76 16.77 -11.38
C ARG A 257 -6.93 15.90 -10.15
N VAL A 258 -5.85 15.63 -9.43
CA VAL A 258 -5.91 14.82 -8.22
C VAL A 258 -5.31 15.65 -7.09
N ILE A 259 -6.06 15.81 -5.97
CA ILE A 259 -5.54 16.51 -4.82
C ILE A 259 -5.39 15.49 -3.67
N LEU A 260 -4.60 15.84 -2.65
CA LEU A 260 -4.48 15.00 -1.46
C LEU A 260 -5.31 15.71 -0.38
N ALA A 261 -6.59 15.31 -0.25
CA ALA A 261 -7.54 15.93 0.66
C ALA A 261 -7.28 15.47 2.09
N GLY A 262 -7.62 16.33 3.03
CA GLY A 262 -7.45 16.01 4.44
C GLY A 262 -6.34 16.78 5.11
N PRO A 263 -5.73 16.25 6.19
CA PRO A 263 -5.98 14.93 6.81
C PRO A 263 -7.41 14.73 7.28
N MET A 264 -7.88 13.50 7.15
CA MET A 264 -9.23 13.16 7.55
C MET A 264 -9.25 11.79 8.26
N PRO A 265 -10.39 11.40 8.87
CA PRO A 265 -10.42 10.14 9.62
C PRO A 265 -10.02 8.89 8.84
N VAL A 266 -9.37 7.95 9.52
CA VAL A 266 -9.05 6.68 8.91
C VAL A 266 -10.34 5.79 8.93
N THR A 267 -10.34 4.68 8.16
CA THR A 267 -11.43 3.70 8.20
C THR A 267 -11.31 2.88 9.51
N HIS A 268 -12.37 2.10 9.85
CA HIS A 268 -12.30 1.21 11.03
C HIS A 268 -11.21 0.15 10.83
N ALA A 269 -11.06 -0.35 9.58
CA ALA A 269 -10.07 -1.37 9.25
C ALA A 269 -8.66 -0.83 9.54
N SER A 270 -8.34 0.39 9.06
CA SER A 270 -7.04 1.02 9.33
C SER A 270 -6.81 1.20 10.82
N ALA A 271 -7.80 1.72 11.56
CA ALA A 271 -7.65 1.91 13.03
C ALA A 271 -7.38 0.60 13.74
N ALA A 272 -8.12 -0.46 13.35
CA ALA A 272 -7.92 -1.77 13.97
C ALA A 272 -6.52 -2.32 13.63
N GLN A 273 -6.00 -2.09 12.41
CA GLN A 273 -4.64 -2.55 12.06
C GLN A 273 -3.54 -1.75 12.79
N ARG A 274 -3.75 -0.45 13.00
CA ARG A 274 -2.77 0.42 13.69
C ARG A 274 -2.68 -0.04 15.14
N ARG A 275 -3.85 -0.18 15.78
CA ARG A 275 -3.93 -0.69 17.14
C ARG A 275 -3.32 -2.11 17.24
N GLY A 276 -3.58 -2.95 16.23
CA GLY A 276 -3.14 -4.33 16.12
C GLY A 276 -1.64 -4.55 16.18
N ARG A 277 -0.85 -3.43 16.07
CA ARG A 277 0.61 -3.54 16.19
C ARG A 277 1.00 -3.94 17.61
N ILE A 278 0.13 -3.65 18.63
CA ILE A 278 0.45 -4.00 20.03
C ILE A 278 -0.64 -4.94 20.63
N GLY A 279 -0.41 -5.45 21.85
CA GLY A 279 -1.29 -6.44 22.44
C GLY A 279 -1.04 -7.82 21.82
N ARG A 280 0.10 -8.01 21.09
CA ARG A 280 0.45 -9.24 20.40
C ARG A 280 1.15 -10.29 21.25
N ASN A 281 1.65 -9.93 22.46
CA ASN A 281 2.38 -10.89 23.32
C ASN A 281 1.49 -11.27 24.50
N PRO A 282 1.09 -12.56 24.58
CA PRO A 282 0.23 -12.99 25.70
C PRO A 282 0.87 -12.83 27.07
N ASN A 283 2.22 -12.78 27.12
CA ASN A 283 2.96 -12.60 28.37
C ASN A 283 3.14 -11.12 28.77
N LYS A 284 2.70 -10.16 27.93
CA LYS A 284 2.84 -8.74 28.27
C LYS A 284 1.53 -8.00 28.09
N PRO A 285 0.65 -8.12 29.08
CA PRO A 285 -0.64 -7.42 29.00
C PRO A 285 -0.46 -5.93 29.31
N GLY A 286 -1.47 -5.15 28.96
CA GLY A 286 -1.43 -3.72 29.26
C GLY A 286 -0.62 -2.87 28.30
N ASP A 287 -0.44 -3.33 27.05
CA ASP A 287 0.13 -2.45 26.02
C ASP A 287 -0.92 -1.32 25.80
N GLU A 288 -0.48 -0.09 25.48
CA GLU A 288 -1.39 1.05 25.37
C GLU A 288 -1.73 1.44 23.94
N TYR A 289 -2.95 1.94 23.73
CA TYR A 289 -3.34 2.45 22.42
C TYR A 289 -4.02 3.80 22.65
N MET A 290 -3.32 4.89 22.30
CA MET A 290 -3.82 6.26 22.47
C MET A 290 -4.32 6.70 21.14
N TYR A 291 -5.59 7.10 21.01
CA TYR A 291 -6.12 7.47 19.70
C TYR A 291 -6.73 8.86 19.74
N GLY A 292 -6.48 9.66 18.69
CA GLY A 292 -6.82 11.08 18.66
C GLY A 292 -7.93 11.56 17.76
N GLY A 293 -8.85 10.68 17.44
CA GLY A 293 -10.00 11.02 16.58
C GLY A 293 -10.86 9.80 16.32
N GLY A 294 -11.98 10.01 15.65
CA GLY A 294 -12.88 8.91 15.30
C GLY A 294 -12.55 8.29 13.97
N CYS A 295 -13.34 7.26 13.55
CA CYS A 295 -13.21 6.57 12.26
C CYS A 295 -14.34 7.03 11.34
N ALA A 296 -14.13 6.86 10.04
CA ALA A 296 -15.16 7.19 9.06
C ALA A 296 -14.88 6.39 7.79
N GLU A 297 -15.90 6.26 6.89
CA GLU A 297 -15.64 5.46 5.71
CA GLU A 297 -15.82 5.54 5.64
C GLU A 297 -15.08 6.40 4.59
N THR A 298 -13.80 6.75 4.82
CA THR A 298 -13.08 7.63 3.89
C THR A 298 -12.52 6.89 2.66
N ASP A 299 -12.82 5.59 2.50
CA ASP A 299 -12.45 4.91 1.25
C ASP A 299 -13.51 5.18 0.16
N GLU A 300 -14.71 5.70 0.53
CA GLU A 300 -15.74 6.03 -0.46
C GLU A 300 -15.26 7.24 -1.26
N GLY A 301 -15.19 7.10 -2.59
CA GLY A 301 -14.74 8.17 -3.48
C GLY A 301 -13.24 8.43 -3.46
N HIS A 302 -12.46 7.51 -2.85
CA HIS A 302 -11.02 7.61 -2.74
C HIS A 302 -10.43 7.15 -4.12
N ALA A 303 -9.47 7.91 -4.69
CA ALA A 303 -8.94 7.61 -6.05
C ALA A 303 -8.40 6.19 -6.27
N HIS A 304 -7.90 5.50 -5.21
CA HIS A 304 -7.32 4.18 -5.41
C HIS A 304 -8.30 3.18 -6.06
N TRP A 305 -9.59 3.29 -5.73
CA TRP A 305 -10.59 2.35 -6.28
C TRP A 305 -10.86 2.65 -7.77
N LEU A 306 -10.82 3.95 -8.15
CA LEU A 306 -10.97 4.32 -9.57
C LEU A 306 -9.67 3.81 -10.30
N GLU A 307 -8.47 4.04 -9.71
CA GLU A 307 -7.20 3.57 -10.28
C GLU A 307 -7.19 2.02 -10.45
N ALA A 308 -7.76 1.30 -9.50
CA ALA A 308 -7.86 -0.17 -9.59
C ALA A 308 -8.70 -0.57 -10.84
N ARG A 309 -9.77 0.19 -11.12
CA ARG A 309 -10.59 -0.02 -12.31
C ARG A 309 -9.80 0.28 -13.60
N MET A 310 -8.95 1.32 -13.60
CA MET A 310 -8.09 1.58 -14.77
C MET A 310 -7.15 0.39 -15.02
N LEU A 311 -6.59 -0.21 -13.95
CA LEU A 311 -5.69 -1.34 -14.09
C LEU A 311 -6.49 -2.59 -14.63
N LEU A 312 -7.63 -2.92 -13.98
CA LEU A 312 -8.42 -4.11 -14.38
C LEU A 312 -8.98 -4.03 -15.80
N ASP A 313 -9.34 -2.80 -16.25
CA ASP A 313 -9.79 -2.65 -17.64
C ASP A 313 -8.72 -3.01 -18.67
N ASN A 314 -7.45 -2.99 -18.27
CA ASN A 314 -6.33 -3.26 -19.18
C ASN A 314 -5.64 -4.60 -18.91
N ILE A 315 -6.33 -5.54 -18.24
CA ILE A 315 -5.83 -6.88 -17.99
C ILE A 315 -6.73 -7.83 -18.77
N TYR A 316 -6.15 -8.70 -19.62
CA TYR A 316 -6.96 -9.68 -20.35
C TYR A 316 -7.49 -10.71 -19.37
N LEU A 317 -8.75 -11.13 -19.53
CA LEU A 317 -9.35 -12.15 -18.68
C LEU A 317 -9.81 -13.32 -19.58
N GLN A 318 -10.62 -13.01 -20.59
CA GLN A 318 -11.18 -13.94 -21.56
C GLN A 318 -11.96 -13.08 -22.58
N ASP A 319 -11.59 -13.15 -23.88
CA ASP A 319 -12.19 -12.36 -24.97
C ASP A 319 -12.34 -10.84 -24.56
N GLY A 320 -13.54 -10.28 -24.62
CA GLY A 320 -13.74 -8.88 -24.22
C GLY A 320 -14.19 -8.71 -22.78
N LEU A 321 -14.21 -9.81 -21.97
CA LEU A 321 -14.64 -9.76 -20.57
C LEU A 321 -13.64 -9.02 -19.70
N ILE A 322 -14.15 -8.35 -18.67
CA ILE A 322 -13.30 -7.56 -17.79
C ILE A 322 -13.60 -7.86 -16.32
N ALA A 323 -12.56 -8.06 -15.53
CA ALA A 323 -12.72 -8.39 -14.11
C ALA A 323 -13.39 -7.26 -13.33
N SER A 324 -14.31 -7.64 -12.45
CA SER A 324 -15.00 -6.71 -11.57
C SER A 324 -14.19 -6.56 -10.28
N LEU A 325 -14.41 -5.47 -9.51
CA LEU A 325 -13.80 -5.38 -8.18
C LEU A 325 -14.43 -6.45 -7.29
N TYR A 326 -13.70 -6.88 -6.25
CA TYR A 326 -14.18 -7.78 -5.21
C TYR A 326 -15.47 -7.14 -4.59
N ARG A 327 -16.56 -7.90 -4.61
CA ARG A 327 -17.88 -7.40 -4.24
C ARG A 327 -17.94 -6.49 -2.96
N PRO A 328 -17.39 -6.83 -1.78
CA PRO A 328 -17.52 -5.93 -0.61
C PRO A 328 -16.86 -4.53 -0.78
N GLU A 329 -15.99 -4.36 -1.77
CA GLU A 329 -15.37 -3.04 -1.98
C GLU A 329 -15.75 -2.40 -3.32
N ALA A 330 -16.75 -2.97 -4.02
CA ALA A 330 -17.12 -2.51 -5.37
C ALA A 330 -17.91 -1.20 -5.41
N ASP A 331 -18.57 -0.80 -4.33
CA ASP A 331 -19.34 0.46 -4.34
C ASP A 331 -18.53 1.70 -3.99
N LYS A 332 -17.23 1.53 -3.68
CA LYS A 332 -16.36 2.64 -3.33
C LYS A 332 -16.10 3.60 -4.48
N VAL A 333 -16.38 3.17 -5.72
CA VAL A 333 -16.16 3.96 -6.93
C VAL A 333 -17.36 3.87 -7.86
N ALA A 334 -17.74 4.99 -8.47
CA ALA A 334 -18.83 4.97 -9.45
C ALA A 334 -18.16 4.82 -10.80
N ALA A 335 -17.98 3.59 -11.26
CA ALA A 335 -17.27 3.36 -12.52
C ALA A 335 -17.87 2.22 -13.30
N ILE A 336 -17.89 2.39 -14.61
CA ILE A 336 -18.42 1.45 -15.57
C ILE A 336 -17.27 0.55 -16.02
N GLU A 337 -17.40 -0.77 -15.84
CA GLU A 337 -16.36 -1.71 -16.29
C GLU A 337 -16.09 -1.57 -17.79
N GLY A 338 -14.82 -1.35 -18.14
CA GLY A 338 -14.38 -1.15 -19.52
C GLY A 338 -14.19 0.27 -19.99
N GLU A 339 -14.62 1.29 -19.19
CA GLU A 339 -14.49 2.68 -19.64
C GLU A 339 -13.02 3.11 -19.82
N PHE A 340 -12.09 2.45 -19.11
CA PHE A 340 -10.66 2.82 -19.20
C PHE A 340 -9.83 1.87 -20.09
N LYS A 341 -10.50 0.99 -20.87
CA LYS A 341 -9.80 0.04 -21.73
C LYS A 341 -9.08 0.76 -22.85
N LEU A 342 -7.78 0.59 -22.95
CA LEU A 342 -6.96 1.25 -23.97
C LEU A 342 -6.57 0.31 -25.11
N ARG A 343 -6.37 0.88 -26.31
CA ARG A 343 -5.87 0.10 -27.43
C ARG A 343 -4.39 -0.32 -27.18
N THR A 344 -3.88 -1.30 -27.93
CA THR A 344 -2.59 -1.93 -27.74
C THR A 344 -1.42 -0.94 -27.44
N GLU A 345 -1.17 0.02 -28.32
CA GLU A 345 -0.06 0.95 -28.14
C GLU A 345 -0.23 1.91 -26.96
N GLN A 346 -1.43 2.43 -26.77
CA GLN A 346 -1.67 3.31 -25.60
C GLN A 346 -1.55 2.49 -24.31
N ARG A 347 -1.98 1.20 -24.32
CA ARG A 347 -1.87 0.37 -23.13
C ARG A 347 -0.43 0.11 -22.75
N LYS A 348 0.44 -0.12 -23.75
CA LYS A 348 1.86 -0.32 -23.49
C LYS A 348 2.47 0.96 -22.89
N THR A 349 2.05 2.13 -23.39
CA THR A 349 2.57 3.41 -22.86
C THR A 349 2.09 3.55 -21.37
N PHE A 350 0.82 3.21 -21.11
CA PHE A 350 0.26 3.28 -19.76
C PHE A 350 1.06 2.39 -18.81
N VAL A 351 1.37 1.16 -19.23
CA VAL A 351 2.15 0.26 -18.37
C VAL A 351 3.57 0.82 -18.14
N GLU A 352 4.22 1.27 -19.22
CA GLU A 352 5.59 1.81 -19.07
C GLU A 352 5.65 3.06 -18.17
N LEU A 353 4.66 3.94 -18.25
CA LEU A 353 4.63 5.17 -17.41
C LEU A 353 4.53 4.77 -15.91
N MET A 354 3.86 3.64 -15.61
CA MET A 354 3.81 3.17 -14.23
C MET A 354 5.06 2.42 -13.83
N LYS A 355 5.48 1.45 -14.66
CA LYS A 355 6.61 0.55 -14.35
C LYS A 355 7.97 1.26 -14.36
N ARG A 356 8.26 2.00 -15.42
CA ARG A 356 9.55 2.72 -15.52
C ARG A 356 9.38 4.18 -15.08
N GLY A 357 8.29 4.83 -15.47
CA GLY A 357 8.08 6.23 -15.10
C GLY A 357 7.79 6.46 -13.62
N ASP A 358 7.29 5.42 -12.94
CA ASP A 358 6.90 5.48 -11.52
C ASP A 358 5.81 6.50 -11.26
N LEU A 359 4.99 6.79 -12.27
CA LEU A 359 3.89 7.74 -12.07
C LEU A 359 2.68 7.06 -11.39
N PRO A 360 1.84 7.87 -10.69
CA PRO A 360 0.59 7.33 -10.14
C PRO A 360 -0.29 6.78 -11.28
N VAL A 361 -1.11 5.75 -11.01
CA VAL A 361 -1.98 5.17 -12.05
C VAL A 361 -2.80 6.22 -12.80
N TRP A 362 -3.45 7.13 -12.04
CA TRP A 362 -4.32 8.14 -12.70
C TRP A 362 -3.57 9.00 -13.70
N LEU A 363 -2.39 9.50 -13.29
CA LEU A 363 -1.58 10.38 -14.13
C LEU A 363 -1.07 9.61 -15.37
N ALA A 364 -0.59 8.38 -15.16
CA ALA A 364 -0.13 7.51 -16.30
C ALA A 364 -1.25 7.34 -17.34
N TYR A 365 -2.50 7.16 -16.86
CA TYR A 365 -3.67 6.99 -17.72
C TYR A 365 -3.97 8.25 -18.51
N GLN A 366 -3.90 9.44 -17.88
CA GLN A 366 -4.18 10.69 -18.61
C GLN A 366 -3.18 10.85 -19.77
N VAL A 367 -1.89 10.56 -19.49
CA VAL A 367 -0.85 10.72 -20.52
C VAL A 367 -1.01 9.71 -21.68
N ALA A 368 -1.14 8.42 -21.37
CA ALA A 368 -1.32 7.37 -22.38
C ALA A 368 -2.61 7.59 -23.19
N SER A 369 -3.75 7.92 -22.52
CA SER A 369 -5.01 8.11 -23.26
C SER A 369 -5.01 9.33 -24.15
N ALA A 370 -4.10 10.29 -23.91
CA ALA A 370 -3.96 11.47 -24.78
C ALA A 370 -3.12 11.16 -26.05
N GLY A 371 -2.65 9.92 -26.22
CA GLY A 371 -1.87 9.55 -27.39
C GLY A 371 -0.40 9.99 -27.32
N ILE A 372 0.08 10.35 -26.12
CA ILE A 372 1.46 10.76 -25.92
C ILE A 372 2.35 9.52 -25.70
N THR A 373 3.54 9.45 -26.32
CA THR A 373 4.46 8.31 -26.17
C THR A 373 5.32 8.46 -24.90
N TYR A 374 5.82 7.34 -24.39
CA TYR A 374 6.50 7.31 -23.09
C TYR A 374 7.56 8.43 -22.90
N THR A 375 8.44 8.59 -23.89
CA THR A 375 9.59 9.53 -23.80
C THR A 375 9.28 11.00 -24.11
N ASP A 376 8.03 11.30 -24.50
CA ASP A 376 7.62 12.66 -24.82
C ASP A 376 7.18 13.35 -23.55
N ARG A 377 8.00 14.31 -23.05
CA ARG A 377 7.77 14.97 -21.77
C ARG A 377 7.28 16.43 -21.92
N ARG A 378 6.86 16.84 -23.14
CA ARG A 378 6.36 18.19 -23.34
C ARG A 378 5.17 18.55 -22.43
N TRP A 379 4.33 17.56 -22.11
CA TRP A 379 3.19 17.75 -21.22
C TRP A 379 3.61 18.16 -19.80
N CYS A 380 4.88 17.89 -19.37
CA CYS A 380 5.31 18.29 -18.00
C CYS A 380 5.46 19.83 -17.86
N PHE A 381 5.44 20.58 -18.99
CA PHE A 381 5.71 22.03 -19.05
C PHE A 381 4.63 22.89 -19.68
N ASP A 382 3.55 22.31 -20.25
CA ASP A 382 2.58 23.11 -21.00
C ASP A 382 1.20 23.22 -20.34
N GLY A 383 1.12 23.01 -19.04
CA GLY A 383 -0.12 23.19 -18.32
C GLY A 383 -0.42 24.66 -18.00
N THR A 384 -1.57 24.95 -17.36
CA THR A 384 -1.90 26.33 -16.99
C THR A 384 -1.06 26.80 -15.79
N THR A 385 -1.02 28.14 -15.55
CA THR A 385 -0.28 28.73 -14.44
C THR A 385 -0.68 28.11 -13.09
N ASN A 386 -1.96 27.75 -12.91
CA ASN A 386 -2.40 27.18 -11.63
C ASN A 386 -1.82 25.78 -11.39
N ASN A 387 -1.28 25.10 -12.44
CA ASN A 387 -0.62 23.80 -12.30
C ASN A 387 0.87 23.90 -12.01
N THR A 388 1.40 25.13 -11.75
CA THR A 388 2.82 25.28 -11.41
C THR A 388 3.12 24.54 -10.11
N ILE A 389 4.17 23.69 -10.13
CA ILE A 389 4.56 22.94 -8.93
C ILE A 389 5.54 23.81 -8.17
N MET A 390 5.31 23.98 -6.87
CA MET A 390 6.16 24.82 -6.04
C MET A 390 7.11 24.02 -5.18
N GLU A 391 8.31 24.57 -4.98
CA GLU A 391 9.32 23.97 -4.12
CA GLU A 391 9.36 23.97 -4.17
C GLU A 391 9.95 25.11 -3.33
N ASP A 392 9.89 25.03 -2.01
CA ASP A 392 10.41 26.07 -1.11
C ASP A 392 9.70 27.42 -1.41
N SER A 393 8.37 27.40 -1.66
CA SER A 393 7.56 28.58 -1.97
C SER A 393 7.95 29.34 -3.26
N VAL A 394 8.73 28.71 -4.14
CA VAL A 394 9.12 29.29 -5.44
C VAL A 394 8.88 28.21 -6.53
N PRO A 395 8.44 28.57 -7.76
CA PRO A 395 8.20 27.52 -8.78
C PRO A 395 9.37 26.57 -8.98
N ALA A 396 9.09 25.25 -9.01
CA ALA A 396 10.17 24.26 -9.22
C ALA A 396 10.68 24.40 -10.66
N GLU A 397 11.97 24.18 -10.89
CA GLU A 397 12.55 24.31 -12.22
C GLU A 397 13.42 23.13 -12.59
N VAL A 398 13.47 22.76 -13.89
CA VAL A 398 14.34 21.68 -14.34
C VAL A 398 14.95 22.07 -15.70
N TRP A 399 16.03 21.39 -16.09
CA TRP A 399 16.57 21.53 -17.41
C TRP A 399 15.89 20.42 -18.22
N THR A 400 15.18 20.78 -19.29
CA THR A 400 14.55 19.80 -20.16
C THR A 400 15.66 18.93 -20.84
N LYS A 401 15.25 17.83 -21.47
CA LYS A 401 16.16 16.99 -22.26
C LYS A 401 16.77 17.78 -23.45
N TYR A 402 16.17 18.93 -23.81
CA TYR A 402 16.67 19.83 -24.86
C TYR A 402 17.75 20.82 -24.34
N GLY A 403 17.93 20.91 -23.03
CA GLY A 403 18.89 21.82 -22.44
C GLY A 403 18.35 23.20 -22.09
N GLU A 404 17.02 23.33 -22.01
CA GLU A 404 16.33 24.58 -21.69
C GLU A 404 15.84 24.56 -20.22
N LYS A 405 16.04 25.66 -19.46
CA LYS A 405 15.53 25.71 -18.07
C LYS A 405 14.05 26.08 -18.15
N ARG A 406 13.16 25.22 -17.63
CA ARG A 406 11.73 25.52 -17.64
C ARG A 406 11.10 25.26 -16.28
N VAL A 407 10.01 26.02 -16.00
CA VAL A 407 9.19 25.85 -14.82
C VAL A 407 8.35 24.56 -15.01
N LEU A 408 8.29 23.74 -13.98
CA LEU A 408 7.48 22.52 -13.95
C LEU A 408 5.99 22.93 -13.85
N LYS A 409 5.20 22.61 -14.88
CA LYS A 409 3.81 23.04 -14.96
C LYS A 409 3.07 21.96 -15.74
N PRO A 410 2.82 20.80 -15.12
CA PRO A 410 2.24 19.67 -15.87
C PRO A 410 0.83 19.94 -16.38
N ARG A 411 0.53 19.40 -17.58
CA ARG A 411 -0.80 19.51 -18.20
C ARG A 411 -1.90 18.91 -17.30
N TRP A 412 -1.58 17.79 -16.58
CA TRP A 412 -2.45 17.14 -15.61
C TRP A 412 -1.70 17.19 -14.28
N MET A 413 -2.36 17.73 -13.27
CA MET A 413 -1.73 17.89 -11.96
C MET A 413 -2.18 16.77 -11.04
N ASP A 414 -1.24 16.00 -10.52
CA ASP A 414 -1.55 14.95 -9.57
C ASP A 414 -0.68 15.24 -8.34
N ALA A 415 -1.30 15.63 -7.21
CA ALA A 415 -0.60 16.02 -5.97
C ALA A 415 0.40 15.04 -5.46
N ARG A 416 0.26 13.78 -5.84
CA ARG A 416 1.16 12.74 -5.39
C ARG A 416 2.56 12.86 -5.97
N VAL A 417 2.75 13.58 -7.11
CA VAL A 417 4.12 13.70 -7.66
C VAL A 417 4.98 14.69 -6.88
N CYS A 418 4.39 15.43 -5.94
CA CYS A 418 5.10 16.44 -5.16
C CYS A 418 4.62 16.46 -3.68
N SER A 419 4.12 15.32 -3.14
CA SER A 419 3.61 15.22 -1.75
C SER A 419 4.71 15.39 -0.66
N ASP A 420 5.96 15.18 -1.05
CA ASP A 420 7.13 15.33 -0.19
C ASP A 420 8.37 15.63 -1.07
N HIS A 421 9.51 15.95 -0.44
CA HIS A 421 10.73 16.28 -1.19
C HIS A 421 11.17 15.11 -2.10
N ALA A 422 11.15 13.86 -1.59
CA ALA A 422 11.55 12.68 -2.36
C ALA A 422 10.70 12.54 -3.64
N ALA A 423 9.36 12.68 -3.54
CA ALA A 423 8.49 12.52 -4.72
C ALA A 423 8.78 13.63 -5.75
N LEU A 424 8.88 14.91 -5.31
CA LEU A 424 9.13 16.00 -6.27
C LEU A 424 10.51 15.82 -6.95
N LYS A 425 11.50 15.30 -6.23
CA LYS A 425 12.83 15.05 -6.81
C LYS A 425 12.70 14.00 -7.92
N SER A 426 11.92 12.91 -7.67
CA SER A 426 11.73 11.87 -8.68
C SER A 426 10.96 12.44 -9.90
N PHE A 427 9.93 13.27 -9.66
CA PHE A 427 9.16 13.85 -10.77
C PHE A 427 10.00 14.83 -11.63
N LYS A 428 10.91 15.59 -10.99
CA LYS A 428 11.80 16.48 -11.73
C LYS A 428 12.70 15.66 -12.66
N GLU A 429 13.19 14.51 -12.18
CA GLU A 429 14.04 13.61 -12.97
C GLU A 429 13.29 13.10 -14.18
N PHE A 430 12.01 12.72 -13.98
CA PHE A 430 11.14 12.29 -15.07
C PHE A 430 10.88 13.43 -16.06
N ALA A 431 10.54 14.63 -15.57
CA ALA A 431 10.27 15.76 -16.49
C ALA A 431 11.50 16.12 -17.37
N ALA A 432 12.71 15.85 -16.83
CA ALA A 432 13.98 16.12 -17.54
C ALA A 432 14.40 15.00 -18.52
N GLY A 433 13.62 13.90 -18.59
CA GLY A 433 13.93 12.78 -19.46
C GLY A 433 15.01 11.86 -18.90
N LYS A 434 15.20 11.84 -17.57
CA LYS A 434 16.26 11.01 -16.99
C LYS A 434 15.89 9.55 -16.75
N ARG A 435 14.63 9.17 -17.04
CA ARG A 435 14.22 7.76 -17.01
C ARG A 435 13.01 7.55 -17.90
#